data_6PGC
#
_entry.id   6PGC
#
_cell.length_a   46.716
_cell.length_b   65.285
_cell.length_c   97.173
_cell.angle_alpha   90.00
_cell.angle_beta   90.00
_cell.angle_gamma   90.00
#
_symmetry.space_group_name_H-M   'P 21 21 21'
#
loop_
_entity.id
_entity.type
_entity.pdbx_description
1 polymer 'WD repeat-containing protein 5'
2 non-polymer 'SULFATE ION'
3 non-polymer 'methyl benzyl{4-[4-(hydroxymethyl)-1H-imidazol-2-yl]butyl}carbamate'
4 water water
#
_entity_poly.entity_id   1
_entity_poly.type   'polypeptide(L)'
_entity_poly.pdbx_seq_one_letter_code
;GSKPNYALKFTLAGHTKAVSSVKFSPNGEWLASSSADKLIKIWGAYDGKFEKTISGHKLGISDVAWSSDSNLLVSASDDK
TLKIWDVSSGKCLKTLKGHSNYVFCCNFNPQSNLIVSGSFDESVRIWDVKTGKCLKTLPAHSDPVSAVHFNRDGSLIVSS
SYDGLCRIWDTASGQCLKTLIDDDNPPVSFVKFSPNGKYILAATLDNTLKLWDYSKGKCLKTYTGHKNEKYCIFANFSVT
GGKWIVSGSEDNLVYIWNLQTKEIVQKLQGHTDVVISTACHPTENIIASAALENDKTIKLWKSDC
;
_entity_poly.pdbx_strand_id   A
#
loop_
_chem_comp.id
_chem_comp.type
_chem_comp.name
_chem_comp.formula
OJJ non-polymer 'methyl benzyl{4-[4-(hydroxymethyl)-1H-imidazol-2-yl]butyl}carbamate' 'C17 H23 N3 O3'
SO4 non-polymer 'SULFATE ION' 'O4 S -2'
#
# COMPACT_ATOMS: atom_id res chain seq x y z
N GLY A 1 -21.24 -16.24 -6.29
CA GLY A 1 -20.81 -15.39 -7.43
C GLY A 1 -20.88 -13.91 -7.09
N SER A 2 -22.05 -13.44 -6.67
CA SER A 2 -22.41 -12.01 -6.48
C SER A 2 -21.87 -11.47 -5.15
N LYS A 3 -21.62 -12.35 -4.18
CA LYS A 3 -20.86 -11.99 -2.95
C LYS A 3 -19.66 -12.90 -2.85
N PRO A 4 -18.52 -12.41 -2.29
CA PRO A 4 -17.40 -13.28 -1.97
C PRO A 4 -17.67 -13.97 -0.63
N ASN A 5 -16.93 -15.03 -0.34
CA ASN A 5 -17.10 -15.83 0.89
C ASN A 5 -15.71 -16.08 1.48
N TYR A 6 -14.90 -15.02 1.57
CA TYR A 6 -13.56 -15.05 2.20
C TYR A 6 -13.72 -15.67 3.59
N ALA A 7 -12.91 -16.69 3.85
CA ALA A 7 -12.84 -17.40 5.15
C ALA A 7 -11.37 -17.52 5.54
N LEU A 8 -11.08 -17.39 6.84
CA LEU A 8 -9.71 -17.44 7.38
C LEU A 8 -9.09 -18.80 7.08
N LYS A 9 -7.90 -18.83 6.49
CA LYS A 9 -7.15 -20.08 6.21
C LYS A 9 -5.91 -20.16 7.10
N PHE A 10 -5.16 -19.08 7.25
CA PHE A 10 -3.90 -19.08 8.05
C PHE A 10 -3.75 -17.78 8.82
N THR A 11 -3.13 -17.88 9.98
CA THR A 11 -2.67 -16.74 10.79
C THR A 11 -1.16 -16.81 10.86
N LEU A 12 -0.47 -15.75 10.45
CA LEU A 12 1.00 -15.66 10.38
C LEU A 12 1.52 -14.84 11.56
N ALA A 13 2.12 -15.46 12.57
CA ALA A 13 2.65 -14.76 13.76
C ALA A 13 4.17 -14.75 13.64
N GLY A 14 4.82 -13.72 14.16
CA GLY A 14 6.29 -13.58 14.08
C GLY A 14 6.74 -12.16 14.33
N HIS A 15 6.00 -11.17 13.84
CA HIS A 15 6.30 -9.75 14.14
C HIS A 15 6.09 -9.53 15.65
N THR A 16 6.95 -8.70 16.23
CA THR A 16 6.95 -8.38 17.68
C THR A 16 6.44 -6.95 17.90
N LYS A 17 6.08 -6.26 16.82
CA LYS A 17 5.39 -4.94 16.87
C LYS A 17 4.33 -4.88 15.77
N ALA A 18 3.53 -3.82 15.77
CA ALA A 18 2.54 -3.52 14.70
C ALA A 18 3.10 -3.90 13.30
N VAL A 19 2.33 -4.63 12.49
CA VAL A 19 2.63 -4.85 11.05
C VAL A 19 2.17 -3.57 10.37
N SER A 20 2.93 -3.07 9.40
CA SER A 20 2.64 -1.79 8.71
C SER A 20 2.14 -2.04 7.29
N SER A 21 2.59 -3.09 6.61
CA SER A 21 2.01 -3.39 5.29
C SER A 21 2.25 -4.84 4.88
N VAL A 22 1.40 -5.31 3.98
CA VAL A 22 1.52 -6.64 3.34
C VAL A 22 1.33 -6.46 1.85
N LYS A 23 2.11 -7.22 1.09
CA LYS A 23 2.08 -7.16 -0.38
C LYS A 23 2.40 -8.56 -0.89
N PHE A 24 1.60 -9.03 -1.83
CA PHE A 24 1.83 -10.30 -2.57
C PHE A 24 2.80 -10.01 -3.71
N SER A 25 3.74 -10.92 -3.96
CA SER A 25 4.65 -10.83 -5.13
C SER A 25 3.81 -10.92 -6.40
N PRO A 26 4.16 -10.21 -7.48
CA PRO A 26 3.44 -10.31 -8.75
C PRO A 26 3.32 -11.74 -9.32
N ASN A 27 4.28 -12.62 -9.02
CA ASN A 27 4.33 -14.03 -9.51
C ASN A 27 3.50 -14.91 -8.57
N GLY A 28 3.02 -14.32 -7.47
CA GLY A 28 2.00 -14.86 -6.58
C GLY A 28 2.53 -15.82 -5.53
N GLU A 29 3.85 -16.09 -5.47
CA GLU A 29 4.34 -17.23 -4.61
C GLU A 29 4.59 -16.74 -3.18
N TRP A 30 4.74 -15.44 -2.97
CA TRP A 30 5.11 -14.88 -1.64
C TRP A 30 4.16 -13.77 -1.17
N LEU A 31 4.10 -13.66 0.15
CA LEU A 31 3.61 -12.44 0.86
C LEU A 31 4.82 -11.81 1.56
N ALA A 32 5.03 -10.51 1.39
CA ALA A 32 6.01 -9.70 2.15
C ALA A 32 5.27 -8.88 3.19
N SER A 33 5.77 -8.87 4.43
CA SER A 33 5.20 -8.04 5.52
C SER A 33 6.31 -7.13 6.06
N SER A 34 5.99 -5.85 6.31
CA SER A 34 6.87 -4.88 6.97
C SER A 34 6.27 -4.58 8.35
N SER A 35 7.10 -4.15 9.28
CA SER A 35 6.66 -3.94 10.67
C SER A 35 7.43 -2.79 11.33
N ALA A 36 6.83 -2.24 12.38
CA ALA A 36 7.44 -1.29 13.33
C ALA A 36 8.61 -1.98 14.06
N ASP A 37 8.73 -3.32 13.99
CA ASP A 37 9.80 -4.12 14.64
C ASP A 37 11.06 -4.09 13.79
N LYS A 38 11.10 -3.29 12.72
CA LYS A 38 12.31 -3.07 11.88
C LYS A 38 12.56 -4.26 10.94
N LEU A 39 11.65 -5.23 10.84
CA LEU A 39 11.85 -6.45 10.03
C LEU A 39 10.93 -6.48 8.81
N ILE A 40 11.40 -7.14 7.74
CA ILE A 40 10.56 -7.67 6.65
C ILE A 40 10.49 -9.18 6.82
N LYS A 41 9.30 -9.76 6.71
CA LYS A 41 9.16 -11.23 6.71
C LYS A 41 8.51 -11.63 5.38
N ILE A 42 8.93 -12.78 4.89
CA ILE A 42 8.47 -13.36 3.61
C ILE A 42 7.77 -14.66 3.95
N TRP A 43 6.57 -14.85 3.40
CA TRP A 43 5.67 -15.96 3.75
C TRP A 43 5.19 -16.62 2.47
N GLY A 44 5.00 -17.94 2.47
CA GLY A 44 4.30 -18.66 1.39
C GLY A 44 2.88 -18.15 1.24
N ALA A 45 2.53 -17.64 0.05
CA ALA A 45 1.22 -17.01 -0.25
C ALA A 45 0.06 -18.01 -0.11
N TYR A 46 0.32 -19.31 -0.37
CA TYR A 46 -0.75 -20.33 -0.50
C TYR A 46 -0.93 -21.07 0.82
N ASP A 47 0.14 -21.24 1.60
CA ASP A 47 0.15 -22.03 2.86
C ASP A 47 0.62 -21.18 4.05
N GLY A 48 0.93 -19.90 3.84
CA GLY A 48 1.37 -18.99 4.94
C GLY A 48 2.66 -19.45 5.62
N LYS A 49 3.42 -20.35 5.00
CA LYS A 49 4.67 -20.90 5.58
C LYS A 49 5.73 -19.80 5.68
N PHE A 50 6.24 -19.55 6.88
CA PHE A 50 7.30 -18.55 7.10
C PHE A 50 8.53 -18.98 6.30
N GLU A 51 9.06 -18.07 5.47
CA GLU A 51 10.20 -18.33 4.58
C GLU A 51 11.47 -17.74 5.22
N LYS A 52 11.52 -16.42 5.42
CA LYS A 52 12.73 -15.75 5.97
C LYS A 52 12.37 -14.38 6.57
N THR A 53 13.29 -13.89 7.40
CA THR A 53 13.35 -12.51 7.90
C THR A 53 14.47 -11.78 7.17
N ILE A 54 14.18 -10.53 6.78
CA ILE A 54 15.08 -9.58 6.08
C ILE A 54 15.25 -8.39 7.02
N SER A 55 16.48 -8.12 7.44
CA SER A 55 16.79 -7.17 8.53
C SER A 55 17.88 -6.22 8.05
N GLY A 56 17.97 -5.03 8.66
CA GLY A 56 18.98 -4.01 8.33
C GLY A 56 18.51 -2.60 8.66
N HIS A 57 17.23 -2.27 8.51
CA HIS A 57 16.70 -0.95 8.97
C HIS A 57 17.02 -0.79 10.47
N LYS A 58 17.36 0.44 10.87
CA LYS A 58 17.76 0.79 12.26
C LYS A 58 16.54 1.21 13.07
N LEU A 59 15.45 1.53 12.37
CA LEU A 59 14.14 1.87 12.97
C LEU A 59 13.02 1.18 12.19
N GLY A 60 11.80 1.39 12.65
CA GLY A 60 10.59 0.72 12.16
C GLY A 60 10.35 0.96 10.69
N ILE A 61 9.61 0.06 10.06
CA ILE A 61 9.28 0.11 8.60
C ILE A 61 7.80 0.45 8.45
N SER A 62 7.48 1.34 7.52
CA SER A 62 6.09 1.76 7.25
C SER A 62 5.53 1.12 5.97
N ASP A 63 6.38 0.67 5.05
CA ASP A 63 5.91 0.19 3.74
C ASP A 63 6.96 -0.72 3.13
N VAL A 64 6.51 -1.67 2.30
CA VAL A 64 7.41 -2.50 1.47
C VAL A 64 6.71 -2.64 0.12
N ALA A 65 7.47 -2.71 -0.98
CA ALA A 65 6.91 -2.92 -2.34
C ALA A 65 7.79 -3.87 -3.15
N TRP A 66 7.17 -4.60 -4.07
CA TRP A 66 7.79 -5.67 -4.89
C TRP A 66 8.13 -5.08 -6.25
N SER A 67 9.26 -5.49 -6.82
CA SER A 67 9.55 -5.22 -8.24
C SER A 67 8.65 -6.11 -9.12
N SER A 68 8.54 -5.77 -10.39
CA SER A 68 7.63 -6.42 -11.37
C SER A 68 8.01 -7.90 -11.55
N ASP A 69 9.31 -8.20 -11.53
CA ASP A 69 9.85 -9.57 -11.74
C ASP A 69 9.84 -10.37 -10.42
N SER A 70 9.36 -9.77 -9.32
CA SER A 70 9.25 -10.39 -7.97
C SER A 70 10.62 -10.68 -7.36
N ASN A 71 11.71 -10.12 -7.88
CA ASN A 71 13.07 -10.44 -7.40
C ASN A 71 13.55 -9.39 -6.39
N LEU A 72 12.97 -8.20 -6.37
CA LEU A 72 13.40 -7.16 -5.40
C LEU A 72 12.25 -6.71 -4.51
N LEU A 73 12.63 -6.15 -3.36
CA LEU A 73 11.73 -5.37 -2.50
C LEU A 73 12.36 -3.99 -2.29
N VAL A 74 11.53 -2.99 -2.08
CA VAL A 74 11.98 -1.73 -1.45
C VAL A 74 11.16 -1.52 -0.18
N SER A 75 11.80 -1.05 0.88
CA SER A 75 11.16 -0.75 2.17
C SER A 75 11.38 0.73 2.47
N ALA A 76 10.43 1.33 3.19
CA ALA A 76 10.47 2.75 3.62
C ALA A 76 10.45 2.75 5.14
N SER A 77 11.40 3.42 5.78
CA SER A 77 11.71 3.27 7.23
C SER A 77 11.74 4.63 7.94
N ASP A 78 11.46 4.61 9.24
CA ASP A 78 11.62 5.82 10.13
C ASP A 78 13.10 6.23 10.24
N ASP A 79 14.06 5.39 9.81
CA ASP A 79 15.52 5.73 9.82
C ASP A 79 15.84 6.71 8.67
N LYS A 80 14.82 7.15 7.94
CA LYS A 80 14.90 8.22 6.89
C LYS A 80 15.47 7.65 5.57
N THR A 81 15.64 6.34 5.48
CA THR A 81 16.16 5.67 4.28
C THR A 81 15.06 4.79 3.67
N LEU A 82 15.26 4.41 2.43
CA LEU A 82 14.69 3.20 1.85
C LEU A 82 15.84 2.24 1.62
N LYS A 83 15.53 0.95 1.60
CA LYS A 83 16.51 -0.10 1.22
C LYS A 83 15.89 -0.94 0.12
N ILE A 84 16.67 -1.23 -0.92
CA ILE A 84 16.35 -2.18 -2.00
C ILE A 84 16.99 -3.50 -1.61
N TRP A 85 16.20 -4.57 -1.62
CA TRP A 85 16.61 -5.92 -1.17
C TRP A 85 16.49 -6.93 -2.30
N ASP A 86 17.47 -7.81 -2.39
CA ASP A 86 17.38 -9.06 -3.20
C ASP A 86 16.64 -10.09 -2.30
N VAL A 87 15.49 -10.56 -2.72
CA VAL A 87 14.61 -11.45 -1.90
C VAL A 87 15.32 -12.79 -1.69
N SER A 88 15.87 -13.34 -2.76
CA SER A 88 16.61 -14.63 -2.74
C SER A 88 17.71 -14.61 -1.65
N SER A 89 18.62 -13.64 -1.70
CA SER A 89 19.80 -13.54 -0.79
C SER A 89 19.43 -12.89 0.55
N GLY A 90 18.31 -12.15 0.61
CA GLY A 90 17.93 -11.35 1.78
C GLY A 90 18.87 -10.16 2.01
N LYS A 91 19.73 -9.84 1.04
CA LYS A 91 20.80 -8.81 1.21
C LYS A 91 20.28 -7.43 0.79
N CYS A 92 20.67 -6.41 1.54
CA CYS A 92 20.51 -4.99 1.16
C CYS A 92 21.42 -4.68 -0.04
N LEU A 93 20.84 -4.38 -1.21
CA LEU A 93 21.60 -4.00 -2.44
C LEU A 93 21.97 -2.52 -2.39
N LYS A 94 21.06 -1.68 -1.92
CA LYS A 94 21.24 -0.21 -1.92
C LYS A 94 20.51 0.37 -0.73
N THR A 95 21.04 1.44 -0.15
CA THR A 95 20.33 2.28 0.83
C THR A 95 20.07 3.64 0.18
N LEU A 96 18.81 4.01 0.01
CA LEU A 96 18.43 5.28 -0.64
C LEU A 96 18.37 6.36 0.45
N LYS A 97 19.28 7.33 0.38
CA LYS A 97 19.46 8.40 1.39
C LYS A 97 19.15 9.75 0.74
N GLY A 98 18.36 10.58 1.42
CA GLY A 98 18.01 11.94 0.97
C GLY A 98 16.87 12.55 1.77
N HIS A 99 15.85 11.76 2.13
CA HIS A 99 14.73 12.23 2.98
C HIS A 99 15.32 12.75 4.30
N SER A 100 14.72 13.79 4.85
CA SER A 100 15.17 14.46 6.10
C SER A 100 14.21 14.09 7.25
N ASN A 101 13.28 13.15 7.02
CA ASN A 101 12.35 12.63 8.05
C ASN A 101 11.93 11.21 7.66
N TYR A 102 11.03 10.60 8.44
CA TYR A 102 10.52 9.23 8.23
C TYR A 102 10.04 9.07 6.78
N VAL A 103 10.47 8.00 6.14
CA VAL A 103 9.96 7.60 4.80
C VAL A 103 8.78 6.68 5.06
N PHE A 104 7.63 7.03 4.52
CA PHE A 104 6.33 6.43 4.89
C PHE A 104 5.85 5.47 3.81
N CYS A 105 6.11 5.76 2.54
CA CYS A 105 5.47 5.02 1.43
C CYS A 105 6.44 4.87 0.28
N CYS A 106 6.29 3.81 -0.49
CA CYS A 106 7.21 3.50 -1.61
C CYS A 106 6.52 2.56 -2.61
N ASN A 107 7.08 2.50 -3.81
CA ASN A 107 6.58 1.68 -4.93
C ASN A 107 7.64 1.71 -6.03
N PHE A 108 7.77 0.61 -6.76
CA PHE A 108 8.56 0.57 -8.01
C PHE A 108 7.63 0.98 -9.15
N ASN A 109 8.18 1.53 -10.21
CA ASN A 109 7.44 1.67 -11.47
C ASN A 109 7.28 0.29 -12.10
N PRO A 110 6.38 0.13 -13.08
CA PRO A 110 6.24 -1.15 -13.78
C PRO A 110 7.56 -1.63 -14.42
N GLN A 111 8.36 -0.71 -14.96
CA GLN A 111 9.70 -0.99 -15.58
C GLN A 111 10.66 -1.48 -14.50
N SER A 112 10.39 -1.08 -13.25
CA SER A 112 11.17 -1.38 -12.01
C SER A 112 12.60 -0.80 -12.11
N ASN A 113 12.77 0.26 -12.91
CA ASN A 113 14.05 1.02 -13.03
C ASN A 113 13.99 2.19 -12.04
N LEU A 114 12.79 2.59 -11.61
CA LEU A 114 12.58 3.70 -10.63
C LEU A 114 11.87 3.21 -9.37
N ILE A 115 12.12 3.90 -8.27
CA ILE A 115 11.33 3.81 -7.01
C ILE A 115 10.82 5.20 -6.70
N VAL A 116 9.56 5.30 -6.30
CA VAL A 116 8.96 6.55 -5.79
C VAL A 116 8.77 6.42 -4.29
N SER A 117 9.02 7.50 -3.55
CA SER A 117 8.91 7.54 -2.08
C SER A 117 8.21 8.83 -1.61
N GLY A 118 7.57 8.71 -0.46
CA GLY A 118 6.85 9.79 0.22
C GLY A 118 7.29 9.80 1.65
N SER A 119 7.46 11.00 2.20
CA SER A 119 8.13 11.20 3.51
C SER A 119 7.30 12.15 4.38
N PHE A 120 7.52 12.06 5.69
CA PHE A 120 7.06 13.05 6.71
C PHE A 120 7.70 14.42 6.41
N ASP A 121 8.78 14.45 5.61
CA ASP A 121 9.49 15.68 5.16
C ASP A 121 8.68 16.38 4.04
N GLU A 122 7.52 15.82 3.63
CA GLU A 122 6.52 16.52 2.77
C GLU A 122 6.96 16.49 1.30
N SER A 123 8.05 15.78 0.98
CA SER A 123 8.57 15.62 -0.40
C SER A 123 8.16 14.24 -0.94
N VAL A 124 8.16 14.15 -2.26
CA VAL A 124 8.18 12.87 -3.01
C VAL A 124 9.52 12.79 -3.75
N ARG A 125 10.23 11.67 -3.65
CA ARG A 125 11.51 11.47 -4.33
C ARG A 125 11.34 10.33 -5.32
N ILE A 126 12.05 10.46 -6.42
CA ILE A 126 12.16 9.43 -7.49
C ILE A 126 13.62 8.98 -7.51
N TRP A 127 13.84 7.67 -7.37
CA TRP A 127 15.17 7.04 -7.21
C TRP A 127 15.47 6.14 -8.40
N ASP A 128 16.73 6.11 -8.83
CA ASP A 128 17.20 5.12 -9.82
C ASP A 128 17.54 3.84 -9.05
N VAL A 129 16.93 2.71 -9.41
CA VAL A 129 17.11 1.41 -8.72
C VAL A 129 18.57 0.94 -8.87
N LYS A 130 19.13 1.05 -10.07
CA LYS A 130 20.46 0.47 -10.42
C LYS A 130 21.54 1.13 -9.54
N THR A 131 21.52 2.46 -9.44
CA THR A 131 22.57 3.28 -8.81
C THR A 131 22.20 3.65 -7.37
N GLY A 132 20.91 3.54 -7.03
CA GLY A 132 20.40 3.95 -5.72
C GLY A 132 20.43 5.45 -5.55
N LYS A 133 20.64 6.22 -6.61
CA LYS A 133 20.76 7.69 -6.50
C LYS A 133 19.37 8.33 -6.64
N CYS A 134 19.16 9.46 -5.96
CA CYS A 134 17.95 10.28 -6.10
C CYS A 134 18.03 11.04 -7.42
N LEU A 135 17.02 10.90 -8.28
CA LEU A 135 16.96 11.58 -9.60
C LEU A 135 16.21 12.91 -9.48
N LYS A 136 15.11 12.92 -8.73
CA LYS A 136 14.26 14.12 -8.58
C LYS A 136 13.75 14.20 -7.14
N THR A 137 13.70 15.40 -6.58
CA THR A 137 13.01 15.68 -5.30
C THR A 137 11.85 16.61 -5.64
N LEU A 138 10.63 16.15 -5.42
CA LEU A 138 9.41 16.94 -5.75
C LEU A 138 8.95 17.59 -4.48
N PRO A 139 8.76 18.92 -4.48
CA PRO A 139 8.14 19.63 -3.35
C PRO A 139 6.62 19.43 -3.41
N ALA A 140 6.20 18.20 -3.16
CA ALA A 140 4.88 17.69 -3.56
C ALA A 140 3.78 18.25 -2.67
N HIS A 141 4.04 18.41 -1.36
CA HIS A 141 2.96 18.63 -0.36
C HIS A 141 3.45 19.54 0.77
N SER A 142 2.51 19.97 1.63
CA SER A 142 2.76 20.90 2.77
C SER A 142 2.53 20.16 4.09
N ASP A 143 2.52 18.84 4.06
CA ASP A 143 2.35 17.97 5.26
C ASP A 143 2.89 16.59 4.86
N PRO A 144 2.99 15.62 5.78
CA PRO A 144 3.47 14.28 5.44
C PRO A 144 2.77 13.62 4.25
N VAL A 145 3.55 12.91 3.45
CA VAL A 145 3.05 12.22 2.24
C VAL A 145 2.63 10.81 2.66
N SER A 146 1.35 10.46 2.46
CA SER A 146 0.71 9.21 2.96
C SER A 146 0.86 8.05 1.96
N ALA A 147 0.88 8.33 0.66
CA ALA A 147 0.89 7.31 -0.41
C ALA A 147 1.54 7.83 -1.69
N VAL A 148 2.19 6.92 -2.43
CA VAL A 148 2.76 7.19 -3.79
C VAL A 148 2.52 5.96 -4.63
N HIS A 149 2.21 6.15 -5.92
CA HIS A 149 1.91 5.01 -6.82
C HIS A 149 2.11 5.46 -8.27
N PHE A 150 2.73 4.60 -9.09
CA PHE A 150 2.84 4.79 -10.55
C PHE A 150 1.62 4.16 -11.23
N ASN A 151 1.21 4.72 -12.36
CA ASN A 151 0.15 4.13 -13.20
C ASN A 151 0.78 3.01 -14.04
N ARG A 152 -0.03 2.33 -14.86
CA ARG A 152 0.33 1.04 -15.52
C ARG A 152 1.48 1.21 -16.52
N ASP A 153 1.67 2.38 -17.15
CA ASP A 153 2.79 2.61 -18.11
C ASP A 153 3.96 3.38 -17.48
N GLY A 154 3.92 3.71 -16.18
CA GLY A 154 5.01 4.40 -15.47
C GLY A 154 5.09 5.92 -15.73
N SER A 155 4.27 6.49 -16.61
CA SER A 155 4.35 7.91 -17.03
C SER A 155 3.82 8.82 -15.91
N LEU A 156 3.02 8.29 -14.99
CA LEU A 156 2.38 9.13 -13.94
C LEU A 156 2.74 8.60 -12.55
N ILE A 157 2.81 9.51 -11.60
CA ILE A 157 2.82 9.23 -10.14
C ILE A 157 1.62 9.93 -9.50
N VAL A 158 0.88 9.23 -8.66
CA VAL A 158 -0.16 9.85 -7.80
C VAL A 158 0.38 9.89 -6.36
N SER A 159 0.24 11.03 -5.69
CA SER A 159 0.59 11.22 -4.25
C SER A 159 -0.63 11.75 -3.49
N SER A 160 -0.62 11.51 -2.19
CA SER A 160 -1.62 11.97 -1.23
C SER A 160 -0.88 12.50 -0.01
N SER A 161 -1.53 13.38 0.73
CA SER A 161 -0.90 14.03 1.90
C SER A 161 -1.94 14.34 2.96
N TYR A 162 -1.48 14.46 4.20
CA TYR A 162 -2.23 15.07 5.32
C TYR A 162 -2.58 16.54 4.99
N ASP A 163 -1.98 17.16 3.96
CA ASP A 163 -2.33 18.56 3.53
C ASP A 163 -3.72 18.56 2.85
N GLY A 164 -4.30 17.39 2.62
CA GLY A 164 -5.66 17.22 2.09
C GLY A 164 -5.70 17.16 0.58
N LEU A 165 -4.53 17.20 -0.08
CA LEU A 165 -4.41 17.20 -1.55
C LEU A 165 -4.08 15.78 -2.04
N CYS A 166 -4.58 15.45 -3.22
CA CYS A 166 -4.08 14.37 -4.08
C CYS A 166 -3.51 15.04 -5.34
N ARG A 167 -2.24 14.77 -5.66
CA ARG A 167 -1.57 15.35 -6.85
C ARG A 167 -1.08 14.23 -7.76
N ILE A 168 -1.16 14.47 -9.06
CA ILE A 168 -0.60 13.58 -10.10
C ILE A 168 0.58 14.31 -10.74
N TRP A 169 1.68 13.57 -10.92
CA TRP A 169 3.01 14.05 -11.34
C TRP A 169 3.43 13.36 -12.63
N ASP A 170 4.02 14.12 -13.53
CA ASP A 170 4.73 13.61 -14.72
C ASP A 170 6.06 13.00 -14.27
N THR A 171 6.19 11.67 -14.38
CA THR A 171 7.40 10.93 -13.95
C THR A 171 8.64 11.55 -14.60
N ALA A 172 8.63 11.77 -15.91
CA ALA A 172 9.84 12.16 -16.71
C ALA A 172 10.38 13.52 -16.25
N SER A 173 9.50 14.49 -15.98
CA SER A 173 9.83 15.90 -15.62
C SER A 173 9.63 16.17 -14.13
N GLY A 174 8.83 15.36 -13.42
CA GLY A 174 8.46 15.59 -12.01
C GLY A 174 7.54 16.79 -11.87
N GLN A 175 7.02 17.37 -12.96
CA GLN A 175 6.14 18.54 -12.83
C GLN A 175 4.72 18.07 -12.60
N CYS A 176 3.95 18.87 -11.86
CA CYS A 176 2.56 18.56 -11.46
C CYS A 176 1.65 18.63 -12.69
N LEU A 177 0.80 17.62 -12.87
CA LEU A 177 -0.14 17.52 -14.00
C LEU A 177 -1.52 17.99 -13.55
N LYS A 178 -1.95 17.67 -12.33
CA LYS A 178 -3.18 18.21 -11.74
C LYS A 178 -3.23 17.90 -10.24
N THR A 179 -3.93 18.76 -9.50
CA THR A 179 -4.38 18.54 -8.10
C THR A 179 -5.83 18.02 -8.15
N LEU A 180 -6.02 16.73 -7.93
CA LEU A 180 -7.32 16.03 -8.10
C LEU A 180 -8.26 16.45 -6.99
N ILE A 181 -7.86 16.19 -5.75
CA ILE A 181 -8.56 16.58 -4.49
C ILE A 181 -7.82 17.81 -3.96
N ASP A 182 -8.53 18.93 -3.79
CA ASP A 182 -7.96 20.24 -3.35
C ASP A 182 -8.86 20.80 -2.25
N ASP A 183 -8.88 20.16 -1.08
CA ASP A 183 -9.63 20.64 0.11
C ASP A 183 -8.63 20.84 1.25
N ASP A 184 -8.78 21.93 2.03
CA ASP A 184 -8.03 22.14 3.30
C ASP A 184 -7.97 20.80 4.03
N ASN A 185 -9.01 19.99 3.82
CA ASN A 185 -9.33 18.83 4.67
C ASN A 185 -10.40 18.01 3.97
N PRO A 186 -10.56 16.72 4.33
CA PRO A 186 -9.68 16.07 5.30
C PRO A 186 -8.35 15.56 4.75
N PRO A 187 -7.41 15.13 5.63
CA PRO A 187 -6.20 14.43 5.19
C PRO A 187 -6.51 13.31 4.18
N VAL A 188 -5.71 13.23 3.11
CA VAL A 188 -5.77 12.11 2.14
C VAL A 188 -4.76 11.09 2.63
N SER A 189 -5.26 9.97 3.11
CA SER A 189 -4.49 8.95 3.88
C SER A 189 -3.97 7.87 2.93
N PHE A 190 -4.55 7.77 1.75
CA PHE A 190 -4.15 6.73 0.75
C PHE A 190 -4.68 7.08 -0.63
N VAL A 191 -3.85 6.81 -1.65
CA VAL A 191 -4.24 6.90 -3.08
C VAL A 191 -3.52 5.80 -3.84
N LYS A 192 -4.17 5.27 -4.85
CA LYS A 192 -3.51 4.43 -5.86
C LYS A 192 -4.34 4.46 -7.14
N PHE A 193 -3.67 4.19 -8.24
CA PHE A 193 -4.28 4.05 -9.57
C PHE A 193 -4.99 2.69 -9.64
N SER A 194 -6.05 2.65 -10.44
CA SER A 194 -6.73 1.40 -10.87
C SER A 194 -5.82 0.64 -11.83
N PRO A 195 -5.95 -0.71 -11.94
CA PRO A 195 -5.05 -1.50 -12.80
C PRO A 195 -4.92 -0.98 -14.25
N ASN A 196 -5.95 -0.33 -14.77
CA ASN A 196 -5.96 0.22 -16.16
C ASN A 196 -5.51 1.70 -16.16
N GLY A 197 -5.27 2.27 -14.99
CA GLY A 197 -4.68 3.61 -14.84
C GLY A 197 -5.67 4.72 -15.14
N LYS A 198 -6.96 4.39 -15.24
CA LYS A 198 -8.02 5.35 -15.65
C LYS A 198 -8.54 6.10 -14.42
N TYR A 199 -8.55 5.42 -13.27
CA TYR A 199 -9.16 5.88 -12.02
C TYR A 199 -8.12 5.91 -10.88
N ILE A 200 -8.45 6.69 -9.86
CA ILE A 200 -7.66 6.84 -8.61
C ILE A 200 -8.60 6.52 -7.45
N LEU A 201 -8.26 5.51 -6.67
CA LEU A 201 -8.92 5.19 -5.38
C LEU A 201 -8.24 6.02 -4.29
N ALA A 202 -8.99 6.88 -3.60
CA ALA A 202 -8.47 7.80 -2.57
C ALA A 202 -9.24 7.62 -1.25
N ALA A 203 -8.51 7.44 -0.15
CA ALA A 203 -9.03 7.40 1.24
C ALA A 203 -8.84 8.76 1.88
N THR A 204 -9.82 9.20 2.67
CA THR A 204 -9.79 10.44 3.48
C THR A 204 -10.12 10.06 4.92
N LEU A 205 -9.62 10.81 5.91
CA LEU A 205 -9.76 10.46 7.34
C LEU A 205 -11.09 11.01 7.87
N ASP A 206 -12.13 10.84 7.07
CA ASP A 206 -13.57 11.06 7.39
C ASP A 206 -14.30 9.77 7.04
N ASN A 207 -13.63 8.63 7.20
CA ASN A 207 -14.26 7.29 7.05
C ASN A 207 -14.79 7.15 5.62
N THR A 208 -14.05 7.66 4.63
CA THR A 208 -14.51 7.69 3.22
C THR A 208 -13.45 7.13 2.26
N LEU A 209 -13.89 6.28 1.33
CA LEU A 209 -13.16 5.91 0.11
C LEU A 209 -13.91 6.49 -1.08
N LYS A 210 -13.18 7.01 -2.05
CA LYS A 210 -13.72 7.64 -3.28
C LYS A 210 -12.96 7.09 -4.48
N LEU A 211 -13.69 6.76 -5.54
CA LEU A 211 -13.10 6.38 -6.84
C LEU A 211 -13.23 7.58 -7.79
N TRP A 212 -12.10 8.13 -8.22
CA TRP A 212 -12.01 9.35 -9.07
C TRP A 212 -11.69 8.93 -10.50
N ASP A 213 -12.31 9.58 -11.49
CA ASP A 213 -11.90 9.51 -12.92
C ASP A 213 -10.78 10.52 -13.09
N TYR A 214 -9.58 10.06 -13.44
CA TYR A 214 -8.36 10.90 -13.50
C TYR A 214 -8.50 11.92 -14.64
N SER A 215 -8.90 11.48 -15.83
CA SER A 215 -9.04 12.32 -17.06
C SER A 215 -10.01 13.46 -16.80
N LYS A 216 -11.19 13.15 -16.30
CA LYS A 216 -12.30 14.13 -16.07
C LYS A 216 -12.06 14.87 -14.75
N GLY A 217 -11.30 14.26 -13.84
CA GLY A 217 -11.04 14.79 -12.48
C GLY A 217 -12.31 14.91 -11.65
N LYS A 218 -13.19 13.91 -11.73
CA LYS A 218 -14.53 13.87 -11.06
C LYS A 218 -14.63 12.61 -10.20
N CYS A 219 -15.27 12.69 -9.03
CA CYS A 219 -15.59 11.53 -8.16
C CYS A 219 -16.72 10.71 -8.81
N LEU A 220 -16.54 9.40 -8.95
CA LEU A 220 -17.52 8.48 -9.56
C LEU A 220 -18.30 7.77 -8.46
N LYS A 221 -17.58 7.13 -7.52
CA LYS A 221 -18.15 6.26 -6.45
C LYS A 221 -17.64 6.71 -5.08
N THR A 222 -18.44 6.46 -4.04
CA THR A 222 -18.12 6.66 -2.61
C THR A 222 -18.35 5.33 -1.91
N TYR A 223 -17.45 4.90 -1.02
CA TYR A 223 -17.57 3.65 -0.23
C TYR A 223 -17.40 4.02 1.24
N THR A 224 -18.41 3.67 2.04
CA THR A 224 -18.51 4.04 3.47
C THR A 224 -19.01 2.83 4.24
N GLY A 225 -19.04 2.94 5.57
CA GLY A 225 -19.46 1.87 6.48
C GLY A 225 -18.34 1.47 7.42
N HIS A 226 -17.09 1.69 7.00
CA HIS A 226 -15.86 1.35 7.75
C HIS A 226 -15.41 2.56 8.58
N LYS A 227 -14.47 2.35 9.50
N LYS A 227 -14.47 2.36 9.50
CA LYS A 227 -13.89 3.42 10.38
CA LYS A 227 -13.91 3.43 10.36
C LYS A 227 -12.47 3.76 9.91
C LYS A 227 -12.48 3.77 9.93
N ASN A 228 -12.22 5.04 9.63
CA ASN A 228 -10.89 5.52 9.19
C ASN A 228 -10.80 7.03 9.44
N GLU A 229 -10.27 7.40 10.61
CA GLU A 229 -10.04 8.82 11.00
C GLU A 229 -8.59 9.05 11.42
N LYS A 230 -7.74 8.02 11.54
CA LYS A 230 -6.40 8.19 12.16
C LYS A 230 -5.25 7.63 11.29
N TYR A 231 -5.38 6.42 10.79
CA TYR A 231 -4.26 5.66 10.18
C TYR A 231 -4.39 5.67 8.66
N CYS A 232 -3.25 5.58 8.00
CA CYS A 232 -3.17 5.49 6.52
C CYS A 232 -3.36 4.02 6.14
N ILE A 233 -4.62 3.62 6.00
CA ILE A 233 -5.07 2.24 5.70
C ILE A 233 -5.04 2.08 4.18
N PHE A 234 -4.38 1.02 3.72
CA PHE A 234 -4.34 0.65 2.30
C PHE A 234 -5.75 0.26 1.85
N ALA A 235 -5.97 0.31 0.54
CA ALA A 235 -7.20 -0.13 -0.14
C ALA A 235 -6.78 -0.74 -1.48
N ASN A 236 -7.57 -1.68 -1.98
CA ASN A 236 -7.17 -2.53 -3.12
C ASN A 236 -8.34 -2.60 -4.09
N PHE A 237 -8.01 -2.76 -5.36
CA PHE A 237 -8.91 -3.29 -6.41
C PHE A 237 -8.71 -4.80 -6.41
N SER A 238 -9.71 -5.57 -5.98
CA SER A 238 -9.75 -7.05 -6.11
C SER A 238 -10.33 -7.39 -7.47
N VAL A 239 -9.58 -8.13 -8.32
CA VAL A 239 -9.93 -8.32 -9.75
C VAL A 239 -9.91 -9.80 -10.18
N THR A 240 -9.58 -10.73 -9.28
CA THR A 240 -9.38 -12.17 -9.63
C THR A 240 -10.75 -12.85 -9.80
N GLY A 241 -11.71 -12.53 -8.94
CA GLY A 241 -13.10 -13.02 -9.05
C GLY A 241 -14.04 -11.86 -9.32
N GLY A 242 -14.95 -11.57 -8.39
CA GLY A 242 -15.81 -10.39 -8.45
C GLY A 242 -14.98 -9.12 -8.30
N LYS A 243 -15.44 -8.02 -8.91
CA LYS A 243 -14.73 -6.71 -8.91
C LYS A 243 -15.10 -5.98 -7.63
N TRP A 244 -14.22 -6.08 -6.61
CA TRP A 244 -14.45 -5.52 -5.25
C TRP A 244 -13.50 -4.37 -4.96
N ILE A 245 -13.84 -3.58 -3.94
CA ILE A 245 -12.92 -2.63 -3.25
C ILE A 245 -12.67 -3.24 -1.87
N VAL A 246 -11.41 -3.39 -1.47
CA VAL A 246 -11.01 -4.02 -0.19
C VAL A 246 -10.26 -2.98 0.64
N SER A 247 -10.58 -2.89 1.92
CA SER A 247 -9.85 -2.00 2.87
C SER A 247 -9.91 -2.56 4.27
N GLY A 248 -8.89 -2.23 5.04
CA GLY A 248 -8.91 -2.36 6.50
C GLY A 248 -9.82 -1.32 7.12
N SER A 249 -9.89 -1.31 8.44
CA SER A 249 -10.81 -0.46 9.22
C SER A 249 -10.32 -0.42 10.66
N GLU A 250 -10.58 0.71 11.34
CA GLU A 250 -10.16 0.95 12.75
C GLU A 250 -11.11 0.23 13.72
N ASP A 251 -12.17 -0.40 13.20
CA ASP A 251 -13.07 -1.31 13.98
C ASP A 251 -12.56 -2.77 13.86
N ASN A 252 -11.33 -2.98 13.39
CA ASN A 252 -10.61 -4.29 13.41
C ASN A 252 -11.15 -5.27 12.35
N LEU A 253 -11.94 -4.80 11.39
CA LEU A 253 -12.51 -5.64 10.30
C LEU A 253 -11.83 -5.35 8.96
N VAL A 254 -11.87 -6.32 8.05
CA VAL A 254 -11.65 -6.10 6.58
C VAL A 254 -13.02 -5.85 5.92
N TYR A 255 -13.18 -4.73 5.21
CA TYR A 255 -14.40 -4.39 4.44
C TYR A 255 -14.19 -4.75 2.96
N ILE A 256 -15.20 -5.37 2.36
CA ILE A 256 -15.26 -5.68 0.91
C ILE A 256 -16.52 -5.01 0.34
N TRP A 257 -16.36 -4.14 -0.65
CA TRP A 257 -17.46 -3.47 -1.37
C TRP A 257 -17.53 -3.99 -2.80
N ASN A 258 -18.74 -3.99 -3.38
CA ASN A 258 -18.98 -4.13 -4.83
C ASN A 258 -18.56 -2.78 -5.43
N LEU A 259 -17.65 -2.79 -6.40
CA LEU A 259 -17.05 -1.55 -6.95
C LEU A 259 -18.18 -0.71 -7.55
N GLN A 260 -19.02 -1.32 -8.39
CA GLN A 260 -20.11 -0.63 -9.14
C GLN A 260 -21.22 -0.14 -8.20
N THR A 261 -21.75 -1.03 -7.36
CA THR A 261 -22.97 -0.75 -6.55
C THR A 261 -22.59 0.03 -5.29
N LYS A 262 -21.37 -0.17 -4.79
CA LYS A 262 -20.84 0.48 -3.57
C LYS A 262 -21.39 -0.20 -2.33
N GLU A 263 -22.11 -1.31 -2.49
CA GLU A 263 -22.65 -2.08 -1.35
C GLU A 263 -21.48 -2.82 -0.66
N ILE A 264 -21.48 -2.86 0.66
CA ILE A 264 -20.61 -3.77 1.45
C ILE A 264 -21.08 -5.19 1.15
N VAL A 265 -20.20 -6.09 0.71
CA VAL A 265 -20.55 -7.50 0.36
C VAL A 265 -19.94 -8.48 1.37
N GLN A 266 -19.00 -8.05 2.21
CA GLN A 266 -18.46 -8.89 3.32
C GLN A 266 -17.69 -8.01 4.29
N LYS A 267 -17.69 -8.41 5.57
CA LYS A 267 -16.82 -7.86 6.63
C LYS A 267 -16.07 -9.06 7.23
N LEU A 268 -14.73 -9.05 7.22
CA LEU A 268 -13.93 -10.20 7.70
C LEU A 268 -13.53 -9.92 9.14
N GLN A 269 -13.99 -10.80 10.03
CA GLN A 269 -13.81 -10.71 11.51
C GLN A 269 -12.67 -11.63 11.94
N GLY A 270 -11.80 -11.15 12.82
CA GLY A 270 -10.71 -11.99 13.31
C GLY A 270 -9.62 -11.20 14.01
N HIS A 271 -9.19 -10.08 13.42
CA HIS A 271 -8.10 -9.23 14.01
C HIS A 271 -8.59 -8.62 15.32
N THR A 272 -7.65 -8.24 16.17
CA THR A 272 -7.87 -7.69 17.52
C THR A 272 -7.21 -6.31 17.63
N ASP A 273 -6.90 -5.70 16.49
CA ASP A 273 -6.45 -4.29 16.40
C ASP A 273 -6.77 -3.78 14.99
N VAL A 274 -6.54 -2.50 14.79
CA VAL A 274 -6.80 -1.82 13.50
C VAL A 274 -6.19 -2.68 12.39
N VAL A 275 -6.96 -2.98 11.35
CA VAL A 275 -6.45 -3.57 10.09
C VAL A 275 -5.87 -2.42 9.24
N ILE A 276 -4.56 -2.30 9.24
CA ILE A 276 -3.82 -1.17 8.61
C ILE A 276 -3.64 -1.46 7.12
N SER A 277 -3.56 -2.72 6.74
CA SER A 277 -3.10 -3.12 5.40
C SER A 277 -3.80 -4.40 4.97
N THR A 278 -4.21 -4.43 3.69
CA THR A 278 -4.82 -5.55 2.97
C THR A 278 -4.13 -5.62 1.61
N ALA A 279 -3.96 -6.82 1.09
CA ALA A 279 -3.42 -7.07 -0.27
C ALA A 279 -4.22 -8.19 -0.94
N CYS A 280 -4.45 -8.07 -2.23
CA CYS A 280 -5.20 -9.05 -3.05
C CYS A 280 -4.22 -9.85 -3.90
N HIS A 281 -4.29 -11.18 -3.84
CA HIS A 281 -3.44 -12.09 -4.63
C HIS A 281 -3.64 -11.82 -6.12
N PRO A 282 -2.56 -11.80 -6.92
CA PRO A 282 -2.66 -11.51 -8.35
C PRO A 282 -3.52 -12.51 -9.15
N THR A 283 -3.58 -13.79 -8.76
CA THR A 283 -4.29 -14.85 -9.55
C THR A 283 -5.47 -15.46 -8.77
N GLU A 284 -5.27 -15.80 -7.50
CA GLU A 284 -6.27 -16.50 -6.65
C GLU A 284 -7.12 -15.49 -5.87
N ASN A 285 -8.29 -15.93 -5.41
CA ASN A 285 -9.22 -15.12 -4.60
C ASN A 285 -8.72 -15.21 -3.15
N ILE A 286 -7.61 -14.52 -2.88
CA ILE A 286 -6.92 -14.54 -1.57
C ILE A 286 -6.63 -13.10 -1.15
N ILE A 287 -7.03 -12.79 0.06
CA ILE A 287 -6.72 -11.51 0.75
C ILE A 287 -5.75 -11.81 1.87
N ALA A 288 -4.76 -10.94 2.02
CA ALA A 288 -3.90 -10.84 3.22
C ALA A 288 -4.29 -9.57 3.93
N SER A 289 -4.39 -9.65 5.25
CA SER A 289 -4.67 -8.48 6.13
C SER A 289 -3.66 -8.48 7.27
N ALA A 290 -3.30 -7.29 7.75
CA ALA A 290 -2.32 -7.11 8.84
C ALA A 290 -2.85 -6.05 9.80
N ALA A 291 -2.52 -6.22 11.08
CA ALA A 291 -3.08 -5.45 12.21
C ALA A 291 -1.96 -4.81 13.05
N LEU A 292 -2.31 -3.76 13.77
CA LEU A 292 -1.37 -3.02 14.64
C LEU A 292 -1.09 -3.79 15.96
N GLU A 293 -0.54 -3.05 16.94
CA GLU A 293 0.27 -3.49 18.10
C GLU A 293 -0.40 -4.58 18.93
N ASN A 294 -1.71 -4.50 19.17
N ASN A 294 -1.72 -4.50 19.12
CA ASN A 294 -2.42 -5.50 20.02
CA ASN A 294 -2.52 -5.42 19.98
C ASN A 294 -2.40 -6.87 19.34
C ASN A 294 -2.90 -6.70 19.20
N ASP A 295 -2.35 -6.88 17.99
CA ASP A 295 -2.57 -8.10 17.17
C ASP A 295 -1.22 -8.60 16.65
N LYS A 296 -0.58 -7.81 15.79
CA LYS A 296 0.77 -8.05 15.20
C LYS A 296 0.78 -9.33 14.33
N THR A 297 -0.37 -9.79 13.88
CA THR A 297 -0.46 -10.98 13.00
C THR A 297 -0.98 -10.57 11.63
N ILE A 298 -0.77 -11.49 10.69
CA ILE A 298 -1.20 -11.38 9.28
C ILE A 298 -2.18 -12.51 9.08
N LYS A 299 -3.30 -12.25 8.42
CA LYS A 299 -4.31 -13.30 8.19
C LYS A 299 -4.44 -13.47 6.69
N LEU A 300 -4.51 -14.71 6.25
CA LEU A 300 -4.78 -15.12 4.84
C LEU A 300 -6.20 -15.66 4.77
N TRP A 301 -6.98 -15.10 3.85
CA TRP A 301 -8.41 -15.39 3.61
C TRP A 301 -8.58 -15.88 2.17
N LYS A 302 -9.45 -16.86 1.95
N LYS A 302 -9.42 -16.89 1.95
CA LYS A 302 -9.69 -17.42 0.59
CA LYS A 302 -9.69 -17.41 0.58
C LYS A 302 -11.20 -17.48 0.31
C LYS A 302 -11.20 -17.44 0.32
N SER A 303 -11.58 -17.10 -0.92
CA SER A 303 -12.98 -17.05 -1.39
C SER A 303 -13.11 -17.96 -2.61
N ASP A 304 -14.32 -18.52 -2.81
CA ASP A 304 -14.70 -19.24 -4.05
C ASP A 304 -15.00 -18.25 -5.19
N CYS A 305 -15.35 -16.98 -4.87
CA CYS A 305 -15.81 -15.95 -5.85
C CYS A 305 -14.97 -14.68 -5.79
S SO4 B . -2.89 -5.13 -4.00
O1 SO4 B . -3.34 -3.76 -3.85
O2 SO4 B . -4.03 -5.98 -4.10
O3 SO4 B . -2.07 -5.24 -5.17
O4 SO4 B . -2.13 -5.50 -2.83
S SO4 C . -8.06 -1.42 -20.48
O1 SO4 C . -9.13 -0.72 -19.82
O2 SO4 C . -8.53 -2.01 -21.71
O3 SO4 C . -7.59 -2.46 -19.60
O4 SO4 C . -6.99 -0.51 -20.77
O01 OJJ D . 0.61 4.44 1.71
C02 OJJ D . -0.18 4.06 2.83
C03 OJJ D . 0.67 3.47 3.95
C04 OJJ D . 2.02 3.24 4.03
N05 OJJ D . 2.26 2.74 5.25
C06 OJJ D . 1.10 2.66 5.90
C07 OJJ D . 0.87 2.11 7.31
C08 OJJ D . 2.00 2.44 8.30
C09 OJJ D . 1.71 1.97 9.73
C10 OJJ D . 0.52 2.69 10.41
N11 OJJ D . 0.85 4.06 10.76
C12 OJJ D . 0.10 5.18 10.17
O13 OJJ D . 0.56 6.49 10.34
C14 OJJ D . -0.44 7.46 10.30
O15 OJJ D . -0.87 5.03 9.55
C16 OJJ D . 1.97 4.32 11.67
C17 OJJ D . 1.86 3.62 13.03
C18 OJJ D . 2.60 2.45 13.31
C19 OJJ D . 2.51 1.84 14.56
C20 OJJ D . 1.68 2.41 15.53
C21 OJJ D . 0.94 3.58 15.25
C22 OJJ D . 1.03 4.18 14.02
N23 OJJ D . 0.13 3.09 5.11
#